data_2XN6
#
_entry.id   2XN6
#
_cell.length_a   172.690
_cell.length_b   42.140
_cell.length_c   56.100
_cell.angle_alpha   90.00
_cell.angle_beta   90.00
_cell.angle_gamma   90.00
#
_symmetry.space_group_name_H-M   'P 21 21 2'
#
loop_
_entity.id
_entity.type
_entity.pdbx_description
1 polymer 'THYROXINE-BINDING GLOBULIN'
2 polymer 'THYROXINE-BINDING GLOBULIN'
3 non-polymer 'CALCIUM ION'
4 non-polymer 1,2-ETHANEDIOL
5 non-polymer "3',6'-DIHYDROXY-3-OXO-3H-SPIRO[2-BENZOFURAN-1,9'-XANTHENE]-6-CARBOXYLIC ACID"
6 non-polymer "3,5,3',5'-TETRAIODO-L-THYRONINE"
7 water water
#
loop_
_entity_poly.entity_id
_entity_poly.type
_entity_poly.pdbx_seq_one_letter_code
_entity_poly.pdbx_strand_id
1 'polypeptide(L)'
;SSQPNATLYKMSSINADFAFNLYRRFTVETPDKNIFFSPVSISAALVMLSFGACCSTQTEIVETLGFNLTDTPMVEIQHG
FQHLICSLNFPKKELELQIGNALFIGKHLKPLAKFLNDVKTLYETEVFSTDFSNISAAKQEINSHVEMQTKGKVVGLIQD
LKPNTIMVLVNYIHFKAQWANPFDPSKTEDSSSFLIDKTTTVQVPMMHQMDQYYHLVDMELNCTVLQMDYSKNALALFVL
PKEGQMESVEAAMSSKTLKKWNRLLQKGWVDLFVPKFSISATYDLGATLLKMGIQHAYSENADFSGLTEDNGLKLSNAAH
KAVLHIGEKGTEAAGAMFLEAIPRSIPNTF
;
A
2 'polypeptide(L)' LHPIIQIDRSFMLLILERSTRSILFLGKVVNPTEA B
#
loop_
_chem_comp.id
_chem_comp.type
_chem_comp.name
_chem_comp.formula
CA non-polymer 'CALCIUM ION' 'Ca 2'
EDO non-polymer 1,2-ETHANEDIOL 'C2 H6 O2'
F6Y non-polymer '3',6'-DIHYDROXY-3-OXO-3H-SPIRO[2-BENZOFURAN-1,9'-XANTHENE]-6-CARBOXYLIC ACID' 'C21 H12 O7'
T44 non-polymer 3,5,3',5'-TETRAIODO-L-THYRONINE 'C15 H11 I4 N O4'
#
# COMPACT_ATOMS: atom_id res chain seq x y z
N LEU A 8 16.71 -8.05 4.94
CA LEU A 8 17.73 -7.36 4.10
C LEU A 8 17.04 -6.79 2.85
N TYR A 9 17.72 -6.74 1.71
CA TYR A 9 17.13 -6.25 0.47
C TYR A 9 16.65 -7.40 -0.43
N LYS A 10 16.85 -8.63 0.03
CA LYS A 10 16.20 -9.79 -0.57
C LYS A 10 14.69 -9.64 -0.39
N MET A 11 14.30 -9.29 0.84
CA MET A 11 12.92 -9.06 1.20
C MET A 11 12.29 -7.89 0.43
N SER A 12 13.07 -6.84 0.22
CA SER A 12 12.58 -5.65 -0.47
C SER A 12 12.21 -5.95 -1.92
N SER A 13 13.02 -6.76 -2.59
CA SER A 13 12.72 -7.19 -3.95
C SER A 13 11.43 -8.00 -3.97
N ILE A 14 11.30 -8.95 -3.03
CA ILE A 14 10.12 -9.80 -2.96
C ILE A 14 8.83 -9.02 -2.69
N ASN A 15 8.86 -8.12 -1.70
CA ASN A 15 7.69 -7.31 -1.38
C ASN A 15 7.26 -6.39 -2.53
N ALA A 16 8.24 -5.83 -3.25
CA ALA A 16 7.95 -4.99 -4.41
C ALA A 16 7.32 -5.81 -5.53
N ASP A 17 7.82 -7.02 -5.78
CA ASP A 17 7.22 -7.86 -6.80
C ASP A 17 5.80 -8.31 -6.43
N PHE A 18 5.55 -8.54 -5.14
CA PHE A 18 4.18 -8.80 -4.68
C PHE A 18 3.29 -7.60 -4.98
N ALA A 19 3.79 -6.41 -4.69
CA ALA A 19 3.02 -5.19 -4.95
C ALA A 19 2.62 -5.10 -6.42
N PHE A 20 3.58 -5.34 -7.31
CA PHE A 20 3.29 -5.26 -8.73
C PHE A 20 2.38 -6.38 -9.24
N ASN A 21 2.51 -7.58 -8.69
CA ASN A 21 1.63 -8.67 -9.09
C ASN A 21 0.19 -8.41 -8.64
N LEU A 22 0.03 -7.87 -7.44
CA LEU A 22 -1.29 -7.51 -6.95
C LEU A 22 -1.87 -6.35 -7.74
N TYR A 23 -1.03 -5.37 -8.06
CA TYR A 23 -1.43 -4.26 -8.92
C TYR A 23 -2.01 -4.78 -10.24
N ARG A 24 -1.30 -5.72 -10.86
CA ARG A 24 -1.77 -6.27 -12.12
C ARG A 24 -3.09 -7.02 -11.98
N ARG A 25 -3.31 -7.68 -10.84
CA ARG A 25 -4.62 -8.28 -10.59
C ARG A 25 -5.71 -7.21 -10.54
N PHE A 26 -5.42 -6.07 -9.90
CA PHE A 26 -6.37 -4.96 -9.85
C PHE A 26 -6.64 -4.35 -11.22
N THR A 27 -5.64 -4.32 -12.10
CA THR A 27 -5.88 -3.79 -13.46
C THR A 27 -6.84 -4.68 -14.24
N VAL A 28 -6.96 -5.95 -13.84
CA VAL A 28 -7.95 -6.86 -14.42
C VAL A 28 -9.30 -6.72 -13.71
N GLU A 29 -9.29 -6.62 -12.39
CA GLU A 29 -10.54 -6.52 -11.61
C GLU A 29 -11.28 -5.21 -11.86
N THR A 30 -10.54 -4.11 -11.93
CA THR A 30 -11.10 -2.78 -12.18
C THR A 30 -10.34 -2.13 -13.34
N PRO A 31 -10.64 -2.56 -14.58
CA PRO A 31 -9.91 -2.12 -15.77
C PRO A 31 -10.13 -0.63 -16.11
N ASP A 32 -9.04 0.06 -16.46
CA ASP A 32 -9.07 1.49 -16.79
C ASP A 32 -9.74 2.35 -15.73
N LYS A 33 -9.43 2.04 -14.47
CA LYS A 33 -9.91 2.81 -13.31
C LYS A 33 -8.73 3.16 -12.44
N ASN A 34 -8.89 4.22 -11.65
CA ASN A 34 -7.93 4.55 -10.62
C ASN A 34 -7.64 3.33 -9.74
N ILE A 35 -6.37 3.16 -9.41
CA ILE A 35 -5.91 2.14 -8.47
C ILE A 35 -5.12 2.88 -7.41
N PHE A 36 -5.33 2.55 -6.15
CA PHE A 36 -4.47 3.09 -5.11
C PHE A 36 -4.51 2.19 -3.88
N PHE A 37 -3.35 1.69 -3.47
CA PHE A 37 -3.28 0.81 -2.31
C PHE A 37 -1.92 0.91 -1.66
N SER A 38 -1.84 0.41 -0.42
CA SER A 38 -0.57 0.26 0.28
C SER A 38 -0.15 -1.20 0.30
N PRO A 39 0.85 -1.55 -0.54
CA PRO A 39 1.28 -2.94 -0.53
C PRO A 39 1.86 -3.38 0.82
N VAL A 40 2.59 -2.48 1.48
CA VAL A 40 3.20 -2.82 2.77
C VAL A 40 2.13 -3.11 3.81
N SER A 41 1.01 -2.39 3.77
CA SER A 41 -0.10 -2.65 4.68
C SER A 41 -0.70 -4.03 4.46
N ILE A 42 -0.91 -4.40 3.19
CA ILE A 42 -1.48 -5.71 2.87
C ILE A 42 -0.50 -6.83 3.26
N SER A 43 0.76 -6.68 2.87
CA SER A 43 1.80 -7.67 3.21
C SER A 43 1.97 -7.83 4.72
N ALA A 44 2.01 -6.72 5.44
CA ALA A 44 2.21 -6.74 6.89
C ALA A 44 1.08 -7.46 7.62
N ALA A 45 -0.16 -7.20 7.21
CA ALA A 45 -1.32 -7.85 7.83
C ALA A 45 -1.28 -9.37 7.63
N LEU A 46 -0.98 -9.79 6.41
CA LEU A 46 -0.95 -11.22 6.10
C LEU A 46 0.20 -11.92 6.83
N VAL A 47 1.35 -11.27 6.94
CA VAL A 47 2.46 -11.91 7.65
CA VAL A 47 2.48 -11.85 7.68
C VAL A 47 2.13 -12.01 9.15
N MET A 48 1.42 -11.02 9.70
CA MET A 48 0.97 -11.10 11.08
C MET A 48 0.08 -12.32 11.29
N LEU A 49 -0.86 -12.52 10.36
CA LEU A 49 -1.73 -13.68 10.43
C LEU A 49 -0.91 -14.97 10.37
N SER A 50 0.13 -14.97 9.54
CA SER A 50 0.96 -16.15 9.36
C SER A 50 1.75 -16.51 10.63
N PHE A 51 2.02 -15.55 11.51
CA PHE A 51 2.71 -15.84 12.77
C PHE A 51 1.95 -16.87 13.60
N GLY A 52 0.63 -16.86 13.52
CA GLY A 52 -0.21 -17.79 14.26
C GLY A 52 -0.61 -19.04 13.49
N ALA A 53 -0.14 -19.14 12.24
CA ALA A 53 -0.47 -20.27 11.37
C ALA A 53 0.58 -21.34 11.44
N CYS A 54 0.20 -22.56 11.04
CA CYS A 54 1.13 -23.68 10.99
C CYS A 54 1.00 -24.45 9.69
N CYS A 55 2.03 -25.21 9.37
CA CYS A 55 2.00 -26.17 8.27
C CYS A 55 1.54 -25.51 6.97
N SER A 56 0.66 -26.14 6.20
CA SER A 56 0.33 -25.63 4.88
C SER A 56 -0.44 -24.32 4.94
N THR A 57 -1.17 -24.07 6.02
CA THR A 57 -1.84 -22.76 6.19
C THR A 57 -0.81 -21.62 6.22
N GLN A 58 0.27 -21.84 6.98
CA GLN A 58 1.34 -20.85 7.09
C GLN A 58 2.16 -20.71 5.81
N THR A 59 2.55 -21.83 5.21
CA THR A 59 3.39 -21.78 4.02
C THR A 59 2.65 -21.15 2.84
N GLU A 60 1.36 -21.41 2.70
CA GLU A 60 0.58 -20.80 1.61
C GLU A 60 0.57 -19.29 1.73
N ILE A 61 0.47 -18.77 2.95
CA ILE A 61 0.43 -17.33 3.14
C ILE A 61 1.74 -16.69 2.70
N VAL A 62 2.87 -17.19 3.19
CA VAL A 62 4.14 -16.55 2.85
C VAL A 62 4.54 -16.81 1.40
N GLU A 63 4.14 -17.95 0.82
CA GLU A 63 4.42 -18.18 -0.60
C GLU A 63 3.58 -17.27 -1.49
N THR A 64 2.33 -17.02 -1.09
CA THR A 64 1.49 -16.05 -1.78
C THR A 64 2.07 -14.63 -1.71
N LEU A 65 2.73 -14.30 -0.61
CA LEU A 65 3.42 -13.01 -0.46
C LEU A 65 4.71 -12.92 -1.28
N GLY A 66 5.14 -14.05 -1.87
CA GLY A 66 6.24 -14.05 -2.83
C GLY A 66 7.48 -14.79 -2.38
N PHE A 67 7.47 -15.32 -1.16
CA PHE A 67 8.68 -15.90 -0.59
C PHE A 67 8.87 -17.36 -0.97
N ASN A 68 10.13 -17.73 -1.20
CA ASN A 68 10.53 -19.10 -1.40
C ASN A 68 11.18 -19.57 -0.11
N LEU A 69 10.59 -20.56 0.54
CA LEU A 69 11.00 -20.98 1.88
C LEU A 69 12.39 -21.64 1.92
N THR A 70 12.90 -22.06 0.76
CA THR A 70 14.28 -22.52 0.67
C THR A 70 15.25 -21.34 0.76
N ASP A 71 14.96 -20.28 0.00
CA ASP A 71 15.79 -19.07 0.00
C ASP A 71 15.70 -18.33 1.34
N THR A 72 14.48 -18.14 1.82
CA THR A 72 14.23 -17.39 3.05
C THR A 72 13.34 -18.22 3.98
N PRO A 73 13.96 -18.96 4.93
CA PRO A 73 13.22 -19.77 5.88
C PRO A 73 12.15 -19.00 6.64
N MET A 74 11.11 -19.70 7.06
CA MET A 74 9.99 -19.07 7.73
C MET A 74 10.44 -18.10 8.82
N VAL A 75 11.40 -18.52 9.64
CA VAL A 75 11.91 -17.69 10.73
C VAL A 75 12.61 -16.41 10.25
N GLU A 76 13.31 -16.47 9.12
CA GLU A 76 13.93 -15.27 8.54
C GLU A 76 12.88 -14.28 8.03
N ILE A 77 11.82 -14.81 7.42
CA ILE A 77 10.71 -13.96 6.94
C ILE A 77 10.08 -13.25 8.13
N GLN A 78 9.80 -14.01 9.18
CA GLN A 78 9.23 -13.45 10.40
C GLN A 78 10.13 -12.34 10.94
N HIS A 79 11.42 -12.64 11.07
CA HIS A 79 12.43 -11.66 11.48
C HIS A 79 12.46 -10.40 10.60
N GLY A 80 12.49 -10.61 9.29
CA GLY A 80 12.57 -9.50 8.34
C GLY A 80 11.41 -8.53 8.49
N PHE A 81 10.20 -9.08 8.63
CA PHE A 81 9.01 -8.23 8.71
C PHE A 81 8.94 -7.49 10.04
N GLN A 82 9.43 -8.14 11.09
CA GLN A 82 9.53 -7.48 12.39
C GLN A 82 10.51 -6.31 12.32
N HIS A 83 11.64 -6.50 11.64
CA HIS A 83 12.63 -5.43 11.45
C HIS A 83 12.12 -4.28 10.54
N LEU A 84 11.36 -4.65 9.51
CA LEU A 84 10.75 -3.67 8.60
C LEU A 84 9.83 -2.71 9.36
N ILE A 85 8.92 -3.26 10.15
CA ILE A 85 7.96 -2.42 10.88
C ILE A 85 8.68 -1.49 11.84
N CYS A 86 9.67 -2.03 12.54
CA CYS A 86 10.48 -1.25 13.45
C CYS A 86 11.17 -0.06 12.76
N SER A 87 11.79 -0.34 11.61
CA SER A 87 12.51 0.69 10.87
C SER A 87 11.57 1.77 10.32
N LEU A 88 10.43 1.38 9.76
CA LEU A 88 9.48 2.34 9.22
C LEU A 88 8.95 3.30 10.29
N ASN A 89 8.78 2.80 11.51
CA ASN A 89 8.28 3.62 12.62
C ASN A 89 9.34 4.44 13.35
N PHE A 90 10.61 4.19 13.07
CA PHE A 90 11.68 4.93 13.76
C PHE A 90 11.56 6.41 13.41
N PRO A 91 11.55 7.29 14.43
CA PRO A 91 11.27 8.69 14.20
C PRO A 91 12.28 9.37 13.27
N LYS A 92 11.77 10.05 12.24
CA LYS A 92 12.60 10.80 11.31
C LYS A 92 12.04 12.22 11.25
N LYS A 93 12.91 13.20 11.43
CA LYS A 93 12.50 14.60 11.41
C LYS A 93 11.89 14.96 10.05
N GLU A 94 10.80 15.73 10.09
CA GLU A 94 10.07 16.19 8.89
C GLU A 94 9.26 15.12 8.15
N LEU A 95 9.26 13.88 8.64
CA LEU A 95 8.45 12.81 8.05
C LEU A 95 7.51 12.24 9.11
N GLU A 96 6.21 12.23 8.81
CA GLU A 96 5.25 11.46 9.59
C GLU A 96 5.03 10.12 8.88
N LEU A 97 5.41 9.03 9.53
CA LEU A 97 5.16 7.70 9.00
C LEU A 97 4.90 6.76 10.16
N GLN A 98 3.68 6.26 10.25
CA GLN A 98 3.38 5.24 11.24
C GLN A 98 2.67 4.08 10.60
N ILE A 99 3.06 2.88 11.01
CA ILE A 99 2.44 1.66 10.58
C ILE A 99 2.28 0.78 11.81
N GLY A 100 1.07 0.30 12.04
CA GLY A 100 0.83 -0.50 13.22
C GLY A 100 -0.32 -1.43 13.00
N ASN A 101 -0.59 -2.26 14.00
CA ASN A 101 -1.61 -3.27 13.90
C ASN A 101 -2.47 -3.25 15.14
N ALA A 102 -3.70 -3.71 14.98
CA ALA A 102 -4.60 -3.90 16.11
C ALA A 102 -5.30 -5.25 15.96
N LEU A 103 -5.37 -5.99 17.06
CA LEU A 103 -6.06 -7.27 17.09
C LEU A 103 -7.29 -7.13 17.99
N PHE A 104 -8.45 -7.32 17.40
CA PHE A 104 -9.71 -7.29 18.15
C PHE A 104 -10.14 -8.74 18.35
N ILE A 105 -9.94 -9.23 19.56
CA ILE A 105 -10.12 -10.66 19.85
C ILE A 105 -11.41 -10.87 20.64
N GLY A 106 -12.24 -11.80 20.15
CA GLY A 106 -13.48 -12.15 20.82
C GLY A 106 -13.20 -12.53 22.26
N LYS A 107 -14.06 -12.07 23.16
CA LYS A 107 -13.83 -12.25 24.59
C LYS A 107 -13.89 -13.71 25.05
N HIS A 108 -14.38 -14.63 24.21
CA HIS A 108 -14.42 -16.04 24.57
C HIS A 108 -13.36 -16.89 23.88
N LEU A 109 -12.57 -16.26 23.01
CA LEU A 109 -11.48 -16.98 22.39
C LEU A 109 -10.38 -17.19 23.41
N LYS A 110 -9.55 -18.19 23.15
CA LYS A 110 -8.50 -18.59 24.07
C LYS A 110 -7.17 -18.39 23.36
N PRO A 111 -6.76 -17.12 23.19
CA PRO A 111 -5.51 -16.85 22.48
C PRO A 111 -4.31 -17.33 23.27
N LEU A 112 -3.28 -17.75 22.55
CA LEU A 112 -2.05 -18.19 23.20
C LEU A 112 -1.28 -16.96 23.67
N ALA A 113 -0.87 -16.99 24.93
CA ALA A 113 -0.01 -15.95 25.49
C ALA A 113 1.17 -15.65 24.56
N LYS A 114 1.71 -16.69 23.92
CA LYS A 114 2.86 -16.54 23.02
C LYS A 114 2.53 -15.72 21.76
N PHE A 115 1.37 -15.96 21.17
CA PHE A 115 0.94 -15.17 20.01
C PHE A 115 0.76 -13.71 20.41
N LEU A 116 0.15 -13.46 21.57
CA LEU A 116 -0.15 -12.09 22.00
C LEU A 116 1.09 -11.31 22.44
N ASN A 117 1.90 -11.89 23.32
CA ASN A 117 3.10 -11.20 23.80
C ASN A 117 4.06 -10.88 22.65
N ASP A 118 4.14 -11.77 21.68
CA ASP A 118 5.00 -11.58 20.51
C ASP A 118 4.55 -10.43 19.62
N VAL A 119 3.28 -10.43 19.22
CA VAL A 119 2.77 -9.36 18.34
C VAL A 119 2.81 -7.99 19.04
N LYS A 120 2.57 -7.97 20.35
CA LYS A 120 2.67 -6.72 21.12
C LYS A 120 4.10 -6.21 21.15
N THR A 121 5.04 -7.09 21.46
CA THR A 121 6.44 -6.70 21.65
C THR A 121 7.21 -6.55 20.33
N LEU A 122 6.92 -7.41 19.36
CA LEU A 122 7.71 -7.48 18.11
C LEU A 122 7.01 -6.96 16.85
N TYR A 123 5.73 -6.61 16.93
CA TYR A 123 5.00 -6.26 15.70
C TYR A 123 4.01 -5.11 15.84
N GLU A 124 4.33 -4.17 16.73
CA GLU A 124 3.54 -2.93 16.88
C GLU A 124 2.04 -3.21 16.92
N THR A 125 1.64 -4.15 17.78
CA THR A 125 0.23 -4.55 17.87
C THR A 125 -0.39 -4.19 19.20
N GLU A 126 -1.55 -3.53 19.12
CA GLU A 126 -2.41 -3.34 20.28
C GLU A 126 -3.49 -4.41 20.25
N VAL A 127 -3.75 -5.00 21.41
CA VAL A 127 -4.73 -6.08 21.52
C VAL A 127 -5.92 -5.62 22.34
N PHE A 128 -7.12 -5.82 21.79
CA PHE A 128 -8.36 -5.40 22.43
C PHE A 128 -9.34 -6.56 22.56
N SER A 129 -9.73 -6.88 23.80
CA SER A 129 -10.80 -7.84 24.02
C SER A 129 -12.09 -7.18 23.54
N THR A 130 -12.81 -7.88 22.67
CA THR A 130 -13.92 -7.29 21.94
C THR A 130 -15.17 -8.15 22.09
N ASP A 131 -16.29 -7.49 22.35
CA ASP A 131 -17.57 -8.18 22.48
C ASP A 131 -18.27 -8.22 21.13
N PHE A 132 -18.01 -9.29 20.38
CA PHE A 132 -18.63 -9.48 19.07
C PHE A 132 -20.07 -9.98 19.15
N SER A 133 -20.63 -10.09 20.37
CA SER A 133 -22.07 -10.31 20.52
C SER A 133 -22.84 -9.04 20.14
N ASN A 134 -22.18 -7.89 20.22
CA ASN A 134 -22.71 -6.64 19.65
C ASN A 134 -21.92 -6.29 18.40
N ILE A 135 -22.32 -6.90 17.29
CA ILE A 135 -21.56 -6.79 16.05
C ILE A 135 -21.52 -5.36 15.51
N SER A 136 -22.63 -4.65 15.59
CA SER A 136 -22.69 -3.26 15.12
C SER A 136 -21.75 -2.36 15.93
N ALA A 137 -21.76 -2.52 17.25
CA ALA A 137 -20.89 -1.73 18.13
C ALA A 137 -19.41 -2.07 17.89
N ALA A 138 -19.12 -3.36 17.69
CA ALA A 138 -17.74 -3.78 17.39
C ALA A 138 -17.24 -3.17 16.08
N LYS A 139 -18.09 -3.21 15.05
CA LYS A 139 -17.75 -2.62 13.75
C LYS A 139 -17.41 -1.14 13.90
N GLN A 140 -18.24 -0.42 14.65
CA GLN A 140 -18.01 1.00 14.90
C GLN A 140 -16.72 1.27 15.68
N GLU A 141 -16.45 0.45 16.71
CA GLU A 141 -15.23 0.57 17.49
C GLU A 141 -13.99 0.41 16.63
N ILE A 142 -13.98 -0.62 15.80
CA ILE A 142 -12.85 -0.89 14.92
C ILE A 142 -12.66 0.24 13.91
N ASN A 143 -13.76 0.64 13.28
CA ASN A 143 -13.71 1.74 12.31
C ASN A 143 -13.19 3.04 12.93
N SER A 144 -13.65 3.35 14.14
CA SER A 144 -13.20 4.56 14.82
C SER A 144 -11.72 4.47 15.21
N HIS A 145 -11.27 3.27 15.58
CA HIS A 145 -9.85 3.09 15.91
C HIS A 145 -8.97 3.33 14.69
N VAL A 146 -9.35 2.77 13.55
CA VAL A 146 -8.61 2.95 12.30
C VAL A 146 -8.61 4.42 11.86
N GLU A 147 -9.77 5.07 11.99
CA GLU A 147 -9.89 6.49 11.66
C GLU A 147 -8.92 7.31 12.50
N MET A 148 -8.87 7.02 13.80
CA MET A 148 -7.94 7.71 14.70
C MET A 148 -6.49 7.48 14.33
N GLN A 149 -6.12 6.21 14.11
CA GLN A 149 -4.72 5.87 13.83
C GLN A 149 -4.25 6.38 12.46
N THR A 150 -5.18 6.69 11.56
CA THR A 150 -4.85 7.28 10.26
C THR A 150 -5.09 8.78 10.22
N LYS A 151 -5.11 9.42 11.40
CA LYS A 151 -5.27 10.88 11.52
C LYS A 151 -6.51 11.38 10.78
N GLY A 152 -7.59 10.60 10.88
CA GLY A 152 -8.87 10.93 10.28
C GLY A 152 -9.04 10.57 8.82
N LYS A 153 -8.02 10.00 8.20
CA LYS A 153 -8.01 9.85 6.74
C LYS A 153 -8.71 8.61 6.20
N VAL A 154 -8.72 7.52 6.97
CA VAL A 154 -9.41 6.29 6.54
C VAL A 154 -10.67 6.10 7.38
N VAL A 155 -11.81 6.44 6.79
CA VAL A 155 -13.10 6.41 7.43
C VAL A 155 -13.90 5.23 6.91
N GLY A 156 -14.59 4.52 7.80
CA GLY A 156 -15.48 3.44 7.41
C GLY A 156 -14.81 2.26 6.72
N LEU A 157 -13.65 1.85 7.22
CA LEU A 157 -12.92 0.71 6.64
C LEU A 157 -13.84 -0.50 6.47
N ILE A 158 -14.55 -0.87 7.54
CA ILE A 158 -15.42 -2.03 7.56
C ILE A 158 -16.85 -1.62 7.28
N GLN A 159 -17.37 -2.02 6.13
CA GLN A 159 -18.76 -1.72 5.77
C GLN A 159 -19.72 -2.77 6.30
N ASP A 160 -19.31 -4.04 6.25
CA ASP A 160 -20.10 -5.13 6.78
C ASP A 160 -19.21 -6.11 7.53
N LEU A 161 -19.70 -6.59 8.66
CA LEU A 161 -19.00 -7.53 9.51
C LEU A 161 -19.92 -8.73 9.67
N LYS A 162 -19.41 -9.93 9.39
CA LYS A 162 -20.23 -11.14 9.49
C LYS A 162 -20.76 -11.27 10.91
N PRO A 163 -22.00 -11.79 11.05
CA PRO A 163 -22.61 -11.89 12.38
C PRO A 163 -21.88 -12.83 13.33
N ASN A 164 -21.15 -13.79 12.78
CA ASN A 164 -20.39 -14.76 13.59
C ASN A 164 -18.89 -14.44 13.69
N THR A 165 -18.50 -13.20 13.40
CA THR A 165 -17.12 -12.78 13.54
C THR A 165 -16.65 -12.97 14.99
N ILE A 166 -15.46 -13.55 15.16
CA ILE A 166 -14.86 -13.72 16.48
C ILE A 166 -13.46 -13.09 16.62
N MET A 167 -12.90 -12.60 15.52
CA MET A 167 -11.63 -11.90 15.55
C MET A 167 -11.49 -11.02 14.33
N VAL A 168 -10.92 -9.83 14.54
CA VAL A 168 -10.56 -8.94 13.45
C VAL A 168 -9.12 -8.47 13.63
N LEU A 169 -8.32 -8.63 12.58
CA LEU A 169 -6.96 -8.10 12.55
C LEU A 169 -6.95 -6.89 11.62
N VAL A 170 -6.42 -5.77 12.08
CA VAL A 170 -6.28 -4.58 11.22
C VAL A 170 -4.83 -4.11 11.21
N ASN A 171 -4.35 -3.71 10.02
CA ASN A 171 -3.11 -2.96 9.88
C ASN A 171 -3.48 -1.58 9.34
N TYR A 172 -2.78 -0.55 9.81
CA TYR A 172 -2.97 0.82 9.34
CA TYR A 172 -2.97 0.80 9.29
C TYR A 172 -1.61 1.43 9.02
N ILE A 173 -1.61 2.34 8.05
CA ILE A 173 -0.44 3.12 7.71
C ILE A 173 -0.86 4.56 7.46
N HIS A 174 -0.09 5.50 7.98
CA HIS A 174 -0.32 6.91 7.71
C HIS A 174 1.01 7.56 7.35
N PHE A 175 0.99 8.38 6.31
CA PHE A 175 2.18 9.00 5.75
C PHE A 175 1.88 10.47 5.45
N LYS A 176 2.72 11.38 5.93
CA LYS A 176 2.59 12.78 5.59
C LYS A 176 3.96 13.39 5.49
N ALA A 177 4.25 14.01 4.36
CA ALA A 177 5.59 14.49 4.07
C ALA A 177 5.51 15.73 3.22
N GLN A 178 6.55 16.55 3.29
CA GLN A 178 6.65 17.76 2.48
C GLN A 178 7.60 17.50 1.32
N TRP A 179 7.31 18.07 0.16
CA TRP A 179 8.23 17.99 -0.97
C TRP A 179 9.55 18.64 -0.58
N ALA A 180 10.66 18.07 -1.02
CA ALA A 180 11.95 18.75 -0.90
C ALA A 180 11.86 20.11 -1.58
N ASN A 181 11.17 20.16 -2.72
CA ASN A 181 10.94 21.40 -3.45
C ASN A 181 9.45 21.65 -3.61
N PRO A 182 8.84 22.36 -2.63
CA PRO A 182 7.41 22.58 -2.75
C PRO A 182 7.05 23.47 -3.94
N PHE A 183 5.80 23.37 -4.37
CA PHE A 183 5.28 24.20 -5.45
C PHE A 183 4.78 25.52 -4.89
N ASP A 184 4.89 26.56 -5.70
CA ASP A 184 4.32 27.87 -5.37
C ASP A 184 2.87 27.88 -5.82
N PRO A 185 1.93 28.03 -4.86
CA PRO A 185 0.51 27.99 -5.26
C PRO A 185 0.11 29.13 -6.23
N SER A 186 0.88 30.22 -6.25
CA SER A 186 0.63 31.30 -7.19
C SER A 186 0.92 30.91 -8.65
N LYS A 187 1.67 29.81 -8.85
CA LYS A 187 1.95 29.28 -10.18
C LYS A 187 1.02 28.13 -10.57
N THR A 188 0.13 27.73 -9.67
CA THR A 188 -0.83 26.67 -9.94
C THR A 188 -1.96 27.20 -10.82
N GLU A 189 -2.20 26.55 -11.96
CA GLU A 189 -3.33 26.90 -12.81
C GLU A 189 -4.60 26.28 -12.23
N ASP A 190 -5.64 27.10 -12.05
CA ASP A 190 -6.91 26.67 -11.41
C ASP A 190 -7.57 25.50 -12.14
N SER A 191 -7.54 25.57 -13.47
CA SER A 191 -8.26 24.62 -14.31
C SER A 191 -7.45 24.31 -15.57
N SER A 192 -6.83 23.13 -15.58
N SER A 192 -6.79 23.15 -15.58
CA SER A 192 -6.04 22.67 -16.71
CA SER A 192 -6.05 22.69 -16.75
C SER A 192 -6.53 21.29 -17.13
C SER A 192 -6.55 21.31 -17.14
N SER A 193 -6.40 20.97 -18.42
CA SER A 193 -6.92 19.71 -18.95
C SER A 193 -6.05 18.52 -18.55
N PHE A 194 -6.73 17.44 -18.21
CA PHE A 194 -6.08 16.16 -17.94
C PHE A 194 -6.85 15.14 -18.75
N LEU A 195 -6.14 14.40 -19.58
CA LEU A 195 -6.73 13.42 -20.47
C LEU A 195 -7.05 12.14 -19.70
N ILE A 196 -8.34 11.78 -19.60
CA ILE A 196 -8.75 10.55 -18.90
C ILE A 196 -9.03 9.39 -19.87
N ASP A 197 -9.30 9.73 -21.12
CA ASP A 197 -9.32 8.77 -22.23
C ASP A 197 -9.04 9.53 -23.54
N LYS A 198 -9.07 8.84 -24.68
CA LYS A 198 -8.67 9.44 -25.96
C LYS A 198 -9.39 10.74 -26.32
N THR A 199 -10.67 10.84 -25.99
CA THR A 199 -11.51 11.96 -26.41
C THR A 199 -12.07 12.77 -25.24
N THR A 200 -11.62 12.47 -24.02
CA THR A 200 -12.22 13.08 -22.83
C THR A 200 -11.14 13.64 -21.93
N THR A 201 -11.30 14.91 -21.56
CA THR A 201 -10.49 15.56 -20.55
C THR A 201 -11.34 15.91 -19.35
N VAL A 202 -10.70 15.99 -18.19
CA VAL A 202 -11.30 16.61 -17.03
C VAL A 202 -10.43 17.81 -16.66
N GLN A 203 -10.98 18.69 -15.85
CA GLN A 203 -10.24 19.85 -15.42
C GLN A 203 -9.70 19.64 -14.01
N VAL A 204 -8.43 19.97 -13.82
N VAL A 204 -8.44 20.00 -13.79
CA VAL A 204 -7.74 19.82 -12.55
CA VAL A 204 -7.77 19.77 -12.53
C VAL A 204 -6.85 21.02 -12.32
C VAL A 204 -6.79 20.93 -12.31
N PRO A 205 -6.57 21.35 -11.04
CA PRO A 205 -5.52 22.33 -10.80
C PRO A 205 -4.18 21.72 -11.15
N MET A 206 -3.35 22.46 -11.88
CA MET A 206 -2.08 21.97 -12.35
C MET A 206 -0.95 22.79 -11.75
N MET A 207 -0.18 22.15 -10.89
CA MET A 207 0.95 22.79 -10.23
C MET A 207 2.09 22.85 -11.23
N HIS A 208 2.98 23.83 -11.05
CA HIS A 208 4.02 24.09 -12.03
C HIS A 208 5.28 24.61 -11.35
N GLN A 209 6.41 23.96 -11.60
CA GLN A 209 7.68 24.54 -11.25
C GLN A 209 8.79 24.03 -12.13
N MET A 210 9.82 24.85 -12.29
CA MET A 210 11.01 24.48 -13.01
C MET A 210 12.10 24.25 -11.97
N ASP A 211 12.59 23.02 -11.88
CA ASP A 211 13.54 22.61 -10.87
CA ASP A 211 13.66 22.71 -10.95
C ASP A 211 14.41 21.46 -11.41
N GLN A 212 15.51 21.16 -10.73
CA GLN A 212 16.31 19.99 -11.05
C GLN A 212 15.63 18.80 -10.40
N TYR A 213 15.29 17.82 -11.21
CA TYR A 213 14.68 16.58 -10.75
C TYR A 213 15.43 15.40 -11.35
N TYR A 214 15.57 14.34 -10.58
CA TYR A 214 15.97 13.05 -11.15
C TYR A 214 14.89 12.57 -12.11
N HIS A 215 15.27 12.28 -13.35
CA HIS A 215 14.30 11.80 -14.32
C HIS A 215 15.02 10.97 -15.39
N LEU A 216 14.22 10.25 -16.17
CA LEU A 216 14.73 9.52 -17.33
C LEU A 216 13.59 9.26 -18.29
N VAL A 217 13.96 8.91 -19.52
CA VAL A 217 13.04 8.30 -20.45
C VAL A 217 13.53 6.88 -20.62
N ASP A 218 12.69 5.91 -20.30
CA ASP A 218 13.02 4.51 -20.45
C ASP A 218 12.81 4.19 -21.92
N MET A 219 13.91 3.88 -22.60
CA MET A 219 13.91 3.73 -24.05
CA MET A 219 13.93 3.72 -24.06
C MET A 219 13.31 2.39 -24.49
N GLU A 220 13.32 1.41 -23.58
CA GLU A 220 12.72 0.09 -23.83
C GLU A 220 11.20 0.13 -23.62
N LEU A 221 10.79 0.70 -22.49
CA LEU A 221 9.39 0.67 -22.06
C LEU A 221 8.58 1.87 -22.54
N ASN A 222 9.25 2.82 -23.20
CA ASN A 222 8.61 4.01 -23.72
CA ASN A 222 8.61 4.01 -23.72
C ASN A 222 7.77 4.71 -22.65
N CYS A 223 8.45 5.16 -21.61
CA CYS A 223 7.80 5.94 -20.56
C CYS A 223 8.79 6.91 -19.95
N THR A 224 8.26 8.03 -19.49
CA THR A 224 9.00 9.01 -18.72
C THR A 224 8.87 8.69 -17.24
N VAL A 225 9.97 8.77 -16.51
CA VAL A 225 10.00 8.52 -15.07
C VAL A 225 10.56 9.76 -14.41
N LEU A 226 9.83 10.25 -13.41
CA LEU A 226 10.16 11.47 -12.72
C LEU A 226 10.14 11.18 -11.23
N GLN A 227 11.24 11.47 -10.55
CA GLN A 227 11.34 11.31 -9.10
C GLN A 227 11.19 12.68 -8.43
N MET A 228 10.32 12.75 -7.43
CA MET A 228 10.18 13.96 -6.59
CA MET A 228 10.20 13.94 -6.59
C MET A 228 10.45 13.54 -5.15
N ASP A 229 11.52 14.07 -4.58
CA ASP A 229 11.91 13.73 -3.21
C ASP A 229 10.99 14.41 -2.21
N TYR A 230 10.76 13.73 -1.10
CA TYR A 230 10.22 14.38 0.10
C TYR A 230 11.45 14.86 0.86
N SER A 231 11.25 15.71 1.87
CA SER A 231 12.39 16.36 2.49
C SER A 231 13.29 15.37 3.22
N LYS A 232 12.73 14.26 3.70
CA LYS A 232 13.51 13.22 4.39
C LYS A 232 13.01 11.79 4.19
N ASN A 233 13.95 10.91 3.82
CA ASN A 233 13.77 9.44 3.87
CA ASN A 233 13.77 9.44 3.87
C ASN A 233 12.70 8.85 2.94
N ALA A 234 12.19 9.64 1.99
CA ALA A 234 11.11 9.17 1.14
C ALA A 234 11.09 9.90 -0.19
N LEU A 235 10.46 9.27 -1.18
CA LEU A 235 10.34 9.86 -2.51
C LEU A 235 9.09 9.36 -3.20
N ALA A 236 8.64 10.13 -4.19
CA ALA A 236 7.57 9.74 -5.09
C ALA A 236 8.16 9.53 -6.47
N LEU A 237 7.70 8.47 -7.12
CA LEU A 237 8.03 8.20 -8.53
CA LEU A 237 8.04 8.20 -8.51
C LEU A 237 6.77 8.31 -9.36
N PHE A 238 6.81 9.14 -10.40
CA PHE A 238 5.74 9.28 -11.37
C PHE A 238 6.18 8.61 -12.67
N VAL A 239 5.33 7.71 -13.18
CA VAL A 239 5.63 6.97 -14.39
C VAL A 239 4.58 7.33 -15.43
N LEU A 240 5.02 7.98 -16.50
CA LEU A 240 4.14 8.54 -17.52
C LEU A 240 4.39 7.81 -18.85
N PRO A 241 3.56 6.81 -19.16
CA PRO A 241 3.75 6.10 -20.42
C PRO A 241 3.44 7.00 -21.61
N LYS A 242 4.09 6.72 -22.73
CA LYS A 242 3.71 7.29 -24.02
C LYS A 242 2.25 6.93 -24.26
N GLU A 243 1.54 7.77 -25.01
CA GLU A 243 0.14 7.49 -25.32
C GLU A 243 -0.01 6.09 -25.93
N GLY A 244 -0.95 5.32 -25.39
CA GLY A 244 -1.20 3.96 -25.86
C GLY A 244 -0.31 2.89 -25.24
N GLN A 245 0.58 3.26 -24.33
CA GLN A 245 1.57 2.32 -23.81
C GLN A 245 1.38 1.93 -22.34
N MET A 246 0.29 2.35 -21.70
CA MET A 246 0.10 2.05 -20.27
C MET A 246 0.14 0.55 -19.98
N GLU A 247 -0.60 -0.24 -20.77
CA GLU A 247 -0.67 -1.69 -20.55
C GLU A 247 0.72 -2.33 -20.61
N SER A 248 1.52 -1.94 -21.59
CA SER A 248 2.87 -2.47 -21.75
C SER A 248 3.78 -2.09 -20.56
N VAL A 249 3.64 -0.88 -20.03
CA VAL A 249 4.42 -0.46 -18.87
C VAL A 249 3.97 -1.25 -17.63
N GLU A 250 2.66 -1.40 -17.44
CA GLU A 250 2.14 -2.19 -16.33
C GLU A 250 2.67 -3.62 -16.34
N ALA A 251 2.76 -4.23 -17.52
CA ALA A 251 3.28 -5.59 -17.65
C ALA A 251 4.77 -5.67 -17.24
N ALA A 252 5.51 -4.59 -17.44
CA ALA A 252 6.96 -4.56 -17.17
C ALA A 252 7.34 -4.17 -15.75
N MET A 253 6.40 -3.71 -14.93
CA MET A 253 6.76 -3.24 -13.60
C MET A 253 7.18 -4.40 -12.70
N SER A 254 8.36 -4.26 -12.10
CA SER A 254 8.94 -5.30 -11.28
C SER A 254 10.05 -4.68 -10.48
N SER A 255 10.56 -5.43 -9.51
CA SER A 255 11.72 -5.01 -8.74
CA SER A 255 11.71 -4.99 -8.74
C SER A 255 12.93 -4.79 -9.65
N LYS A 256 13.06 -5.65 -10.66
CA LYS A 256 14.13 -5.51 -11.64
C LYS A 256 14.06 -4.15 -12.35
N THR A 257 12.86 -3.74 -12.74
CA THR A 257 12.66 -2.45 -13.40
C THR A 257 13.03 -1.29 -12.47
N LEU A 258 12.64 -1.35 -11.21
CA LEU A 258 13.01 -0.32 -10.25
C LEU A 258 14.53 -0.23 -10.07
N LYS A 259 15.20 -1.37 -10.00
CA LYS A 259 16.66 -1.39 -9.87
C LYS A 259 17.30 -0.74 -11.10
N LYS A 260 16.77 -1.01 -12.27
CA LYS A 260 17.26 -0.41 -13.51
C LYS A 260 17.11 1.11 -13.47
N TRP A 261 15.93 1.57 -13.08
CA TRP A 261 15.68 3.01 -13.01
C TRP A 261 16.55 3.69 -11.96
N ASN A 262 16.80 3.01 -10.85
CA ASN A 262 17.65 3.60 -9.81
C ASN A 262 19.03 3.94 -10.35
N ARG A 263 19.56 3.10 -11.25
CA ARG A 263 20.84 3.37 -11.90
C ARG A 263 20.76 4.49 -12.92
N LEU A 264 19.67 4.53 -13.68
CA LEU A 264 19.56 5.41 -14.83
C LEU A 264 19.09 6.82 -14.54
N LEU A 265 18.38 7.02 -13.42
CA LEU A 265 17.86 8.35 -13.10
C LEU A 265 18.99 9.37 -12.99
N GLN A 266 18.83 10.51 -13.67
CA GLN A 266 19.81 11.58 -13.61
C GLN A 266 19.12 12.89 -13.30
N LYS A 267 19.75 13.71 -12.46
CA LYS A 267 19.19 14.98 -12.03
C LYS A 267 19.49 16.05 -13.05
N GLY A 268 18.47 16.75 -13.52
CA GLY A 268 18.62 17.86 -14.45
C GLY A 268 17.38 18.74 -14.46
N TRP A 269 17.50 19.91 -15.08
CA TRP A 269 16.38 20.86 -15.13
C TRP A 269 15.18 20.26 -15.86
N VAL A 270 14.00 20.46 -15.29
CA VAL A 270 12.74 20.02 -15.88
C VAL A 270 11.72 21.11 -15.63
N ASP A 271 10.98 21.48 -16.68
CA ASP A 271 9.79 22.33 -16.55
C ASP A 271 8.63 21.37 -16.28
N LEU A 272 8.22 21.29 -15.01
CA LEU A 272 7.33 20.23 -14.54
C LEU A 272 5.91 20.74 -14.25
N PHE A 273 4.92 20.02 -14.75
CA PHE A 273 3.52 20.26 -14.44
C PHE A 273 2.94 18.99 -13.81
N VAL A 274 2.38 19.12 -12.61
CA VAL A 274 1.84 17.99 -11.82
C VAL A 274 0.47 18.39 -11.27
N PRO A 275 -0.55 17.51 -11.41
CA PRO A 275 -1.87 17.87 -10.87
C PRO A 275 -1.92 17.87 -9.35
N LYS A 276 -2.78 18.73 -8.81
CA LYS A 276 -3.16 18.72 -7.41
C LYS A 276 -4.47 17.96 -7.33
N PHE A 277 -4.52 16.90 -6.52
CA PHE A 277 -5.69 16.04 -6.52
C PHE A 277 -5.73 15.12 -5.32
N SER A 278 -6.90 14.51 -5.13
CA SER A 278 -7.08 13.47 -4.13
C SER A 278 -7.85 12.33 -4.76
N ILE A 279 -7.49 11.11 -4.40
CA ILE A 279 -8.30 9.95 -4.76
C ILE A 279 -8.35 8.95 -3.62
N SER A 280 -9.26 8.00 -3.76
CA SER A 280 -9.54 6.98 -2.75
CA SER A 280 -9.42 6.94 -2.78
C SER A 280 -9.84 5.69 -3.49
N ALA A 281 -9.52 4.55 -2.87
CA ALA A 281 -9.87 3.26 -3.45
C ALA A 281 -10.16 2.27 -2.35
N THR A 282 -11.07 1.34 -2.63
CA THR A 282 -11.35 0.22 -1.76
C THR A 282 -11.28 -1.09 -2.54
N TYR A 283 -10.91 -2.15 -1.84
CA TYR A 283 -10.76 -3.48 -2.43
C TYR A 283 -11.33 -4.52 -1.49
N ASP A 284 -12.24 -5.35 -2.02
CA ASP A 284 -12.65 -6.59 -1.37
C ASP A 284 -11.63 -7.62 -1.83
N LEU A 285 -10.82 -8.13 -0.89
CA LEU A 285 -9.68 -8.97 -1.21
C LEU A 285 -9.85 -10.46 -0.94
N GLY A 286 -10.98 -10.84 -0.34
CA GLY A 286 -11.21 -12.25 0.00
C GLY A 286 -10.94 -13.23 -1.14
N ALA A 287 -11.67 -13.05 -2.23
CA ALA A 287 -11.55 -13.94 -3.39
C ALA A 287 -10.20 -13.79 -4.10
N THR A 288 -9.69 -12.58 -4.13
CA THR A 288 -8.40 -12.32 -4.76
C THR A 288 -7.27 -13.10 -4.06
N LEU A 289 -7.25 -13.06 -2.73
CA LEU A 289 -6.21 -13.75 -1.97
C LEU A 289 -6.35 -15.28 -2.12
N LEU A 290 -7.59 -15.77 -2.17
CA LEU A 290 -7.85 -17.18 -2.47
C LEU A 290 -7.25 -17.57 -3.83
N LYS A 291 -7.58 -16.80 -4.86
CA LYS A 291 -7.03 -17.03 -6.21
C LYS A 291 -5.49 -17.02 -6.22
N MET A 292 -4.90 -16.15 -5.41
CA MET A 292 -3.45 -16.00 -5.37
C MET A 292 -2.74 -17.11 -4.60
N GLY A 293 -3.49 -17.93 -3.85
CA GLY A 293 -2.92 -19.12 -3.23
C GLY A 293 -3.20 -19.33 -1.76
N ILE A 294 -3.92 -18.41 -1.12
CA ILE A 294 -4.27 -18.57 0.28
C ILE A 294 -5.60 -19.33 0.35
N GLN A 295 -5.49 -20.63 0.58
CA GLN A 295 -6.64 -21.54 0.49
C GLN A 295 -7.01 -22.11 1.85
N HIS A 296 -6.05 -22.77 2.51
CA HIS A 296 -6.36 -23.44 3.78
C HIS A 296 -6.80 -22.51 4.89
N ALA A 297 -6.34 -21.26 4.85
CA ALA A 297 -6.76 -20.26 5.84
C ALA A 297 -8.27 -20.08 5.88
N TYR A 298 -8.93 -20.27 4.74
CA TYR A 298 -10.39 -20.11 4.63
C TYR A 298 -11.17 -21.40 4.94
N SER A 299 -10.48 -22.51 5.10
CA SER A 299 -11.12 -23.82 5.12
C SER A 299 -11.42 -24.31 6.53
N GLU A 300 -12.28 -25.33 6.63
CA GLU A 300 -12.58 -25.94 7.92
C GLU A 300 -11.35 -26.64 8.54
N ASN A 301 -10.33 -26.90 7.74
CA ASN A 301 -9.07 -27.44 8.25
C ASN A 301 -7.97 -26.38 8.30
N ALA A 302 -8.36 -25.11 8.43
CA ALA A 302 -7.39 -24.06 8.68
C ALA A 302 -6.55 -24.42 9.90
N ASP A 303 -5.24 -24.17 9.80
CA ASP A 303 -4.34 -24.44 10.91
C ASP A 303 -3.76 -23.14 11.42
N PHE A 304 -4.44 -22.58 12.43
CA PHE A 304 -3.94 -21.44 13.17
C PHE A 304 -3.66 -21.87 14.61
N SER A 305 -2.98 -23.01 14.74
CA SER A 305 -2.68 -23.61 16.04
C SER A 305 -1.71 -22.78 16.88
N GLY A 306 -1.06 -21.80 16.25
CA GLY A 306 -0.19 -20.88 16.96
C GLY A 306 -0.91 -19.66 17.51
N LEU A 307 -2.21 -19.55 17.24
CA LEU A 307 -2.98 -18.35 17.56
C LEU A 307 -3.86 -18.58 18.78
N THR A 308 -4.59 -19.70 18.80
CA THR A 308 -5.47 -20.03 19.92
C THR A 308 -5.26 -21.46 20.40
N GLU A 309 -5.64 -21.72 21.64
CA GLU A 309 -5.49 -23.03 22.28
C GLU A 309 -6.15 -24.14 21.48
N ASP A 310 -7.35 -23.86 20.99
CA ASP A 310 -8.22 -24.88 20.39
C ASP A 310 -8.25 -24.82 18.87
N ASN A 311 -7.40 -23.97 18.27
CA ASN A 311 -7.38 -23.77 16.83
C ASN A 311 -8.82 -23.49 16.37
N GLY A 312 -9.41 -22.45 16.97
CA GLY A 312 -10.85 -22.26 16.91
C GLY A 312 -11.38 -21.31 15.85
N LEU A 313 -10.55 -20.88 14.91
CA LEU A 313 -10.99 -19.89 13.92
C LEU A 313 -10.50 -20.16 12.50
N LYS A 314 -11.16 -19.53 11.53
CA LYS A 314 -10.70 -19.53 10.14
C LYS A 314 -10.97 -18.17 9.53
N LEU A 315 -10.18 -17.82 8.51
CA LEU A 315 -10.35 -16.56 7.80
C LEU A 315 -11.66 -16.58 7.02
N SER A 316 -12.38 -15.45 6.99
CA SER A 316 -13.65 -15.34 6.27
C SER A 316 -13.67 -14.24 5.22
N ASN A 317 -13.00 -13.12 5.48
CA ASN A 317 -13.04 -11.96 4.60
C ASN A 317 -11.79 -11.11 4.76
N ALA A 318 -11.53 -10.28 3.76
CA ALA A 318 -10.38 -9.39 3.76
C ALA A 318 -10.70 -8.17 2.92
N ALA A 319 -10.27 -6.99 3.37
CA ALA A 319 -10.54 -5.76 2.61
C ALA A 319 -9.51 -4.69 2.91
N HIS A 320 -9.34 -3.78 1.95
CA HIS A 320 -8.35 -2.70 2.06
C HIS A 320 -8.96 -1.39 1.59
N LYS A 321 -8.58 -0.30 2.24
CA LYS A 321 -8.94 1.03 1.78
C LYS A 321 -7.69 1.90 1.85
N ALA A 322 -7.52 2.76 0.85
CA ALA A 322 -6.38 3.67 0.83
C ALA A 322 -6.78 5.01 0.21
N VAL A 323 -6.14 6.08 0.69
CA VAL A 323 -6.45 7.43 0.25
C VAL A 323 -5.16 8.20 0.03
N LEU A 324 -5.24 9.18 -0.86
CA LEU A 324 -4.08 9.96 -1.31
C LEU A 324 -4.49 11.41 -1.53
N HIS A 325 -3.68 12.34 -1.06
CA HIS A 325 -3.76 13.74 -1.47
C HIS A 325 -2.38 14.25 -1.85
N ILE A 326 -2.30 14.89 -3.00
CA ILE A 326 -1.09 15.57 -3.46
C ILE A 326 -1.40 17.03 -3.72
N GLY A 327 -0.59 17.91 -3.14
CA GLY A 327 -0.76 19.35 -3.36
C GLY A 327 0.58 20.05 -3.35
N GLU A 328 0.55 21.36 -3.20
CA GLU A 328 1.76 22.15 -3.36
C GLU A 328 2.81 21.89 -2.28
N LYS A 329 2.34 21.57 -1.07
CA LYS A 329 3.24 21.40 0.07
C LYS A 329 3.87 20.01 0.13
N GLY A 330 3.16 18.99 -0.35
CA GLY A 330 3.63 17.62 -0.19
C GLY A 330 2.56 16.61 -0.48
N THR A 331 2.56 15.54 0.31
CA THR A 331 1.64 14.42 0.11
C THR A 331 1.18 13.92 1.46
N GLU A 332 -0.09 13.53 1.53
CA GLU A 332 -0.60 12.76 2.66
C GLU A 332 -1.32 11.55 2.12
N ALA A 333 -1.01 10.38 2.66
CA ALA A 333 -1.61 9.13 2.20
C ALA A 333 -1.82 8.24 3.41
N ALA A 334 -2.84 7.39 3.33
CA ALA A 334 -3.12 6.47 4.42
C ALA A 334 -3.79 5.24 3.85
N GLY A 335 -3.68 4.13 4.58
CA GLY A 335 -4.33 2.90 4.19
C GLY A 335 -4.59 2.03 5.39
N ALA A 336 -5.48 1.06 5.21
CA ALA A 336 -5.73 0.08 6.24
C ALA A 336 -6.20 -1.22 5.62
N MET A 337 -5.81 -2.31 6.26
CA MET A 337 -6.14 -3.66 5.84
C MET A 337 -6.91 -4.34 6.97
N PHE A 338 -7.94 -5.09 6.59
CA PHE A 338 -8.89 -5.75 7.50
C PHE A 338 -8.90 -7.23 7.16
N LEU A 339 -8.70 -8.08 8.18
CA LEU A 339 -8.89 -9.53 8.07
C LEU A 339 -9.90 -9.96 9.13
N GLU A 340 -10.90 -10.72 8.71
CA GLU A 340 -12.02 -11.14 9.55
C GLU A 340 -11.95 -12.65 9.72
N ALA A 341 -12.20 -13.12 10.94
CA ALA A 341 -12.22 -14.54 11.24
C ALA A 341 -13.53 -14.95 11.92
N ILE A 342 -13.95 -16.19 11.64
CA ILE A 342 -15.17 -16.77 12.19
C ILE A 342 -14.80 -18.14 12.79
N PRO A 343 -15.71 -18.75 13.56
CA PRO A 343 -15.41 -20.07 14.12
C PRO A 343 -15.05 -21.08 13.02
N ARG A 344 -14.05 -21.90 13.28
CA ARG A 344 -13.56 -22.85 12.26
C ARG A 344 -14.58 -23.94 12.00
N SER A 345 -14.88 -24.28 10.85
N HIS B 2 14.83 23.82 -21.42
CA HIS B 2 14.83 22.60 -20.57
C HIS B 2 13.66 21.70 -20.96
N PRO B 3 13.81 20.37 -20.78
CA PRO B 3 12.73 19.47 -21.11
C PRO B 3 11.47 19.74 -20.30
N ILE B 4 10.32 19.57 -20.94
CA ILE B 4 9.02 19.71 -20.29
C ILE B 4 8.49 18.32 -19.96
N ILE B 5 8.07 18.13 -18.71
CA ILE B 5 7.30 16.94 -18.34
C ILE B 5 5.94 17.44 -17.85
N GLN B 6 4.89 17.04 -18.58
CA GLN B 6 3.53 17.45 -18.26
C GLN B 6 2.73 16.22 -17.87
N ILE B 7 2.41 16.10 -16.59
CA ILE B 7 1.64 14.95 -16.09
CA ILE B 7 1.65 14.94 -16.12
C ILE B 7 0.15 15.29 -16.28
N ASP B 8 -0.31 15.12 -17.52
CA ASP B 8 -1.65 15.53 -17.94
C ASP B 8 -2.41 14.39 -18.62
N ARG B 9 -2.00 13.16 -18.34
CA ARG B 9 -2.71 11.97 -18.75
C ARG B 9 -2.36 10.85 -17.78
N SER B 10 -2.96 9.69 -17.97
CA SER B 10 -2.81 8.57 -17.02
C SER B 10 -1.37 8.30 -16.65
N PHE B 11 -1.12 8.11 -15.35
CA PHE B 11 0.22 7.84 -14.87
C PHE B 11 0.17 6.88 -13.70
N MET B 12 1.26 6.14 -13.50
CA MET B 12 1.44 5.36 -12.27
C MET B 12 2.23 6.18 -11.25
N LEU B 13 1.98 5.87 -9.99
CA LEU B 13 2.61 6.57 -8.88
C LEU B 13 3.11 5.57 -7.86
N LEU B 14 4.32 5.77 -7.36
CA LEU B 14 4.88 4.98 -6.27
C LEU B 14 5.36 5.91 -5.19
N ILE B 15 5.10 5.58 -3.93
CA ILE B 15 5.69 6.29 -2.80
C ILE B 15 6.59 5.30 -2.10
N LEU B 16 7.88 5.64 -2.04
CA LEU B 16 8.92 4.72 -1.56
C LEU B 16 9.60 5.29 -0.32
N GLU B 17 9.94 4.42 0.63
CA GLU B 17 10.76 4.77 1.78
C GLU B 17 12.18 4.27 1.50
N ARG B 18 13.16 5.12 1.71
CA ARG B 18 14.53 4.85 1.27
C ARG B 18 15.27 3.78 2.08
N SER B 19 15.24 3.90 3.40
CA SER B 19 16.10 3.08 4.25
C SER B 19 15.76 1.58 4.20
N THR B 20 14.49 1.27 3.93
CA THR B 20 14.05 -0.13 3.82
C THR B 20 13.76 -0.53 2.38
N ARG B 21 13.78 0.45 1.46
CA ARG B 21 13.40 0.26 0.06
C ARG B 21 11.98 -0.32 -0.10
N SER B 22 11.08 0.17 0.73
CA SER B 22 9.70 -0.31 0.74
CA SER B 22 9.70 -0.32 0.76
C SER B 22 8.81 0.54 -0.14
N ILE B 23 7.93 -0.10 -0.89
CA ILE B 23 6.87 0.59 -1.59
C ILE B 23 5.73 0.78 -0.58
N LEU B 24 5.58 1.99 -0.09
CA LEU B 24 4.53 2.32 0.87
C LEU B 24 3.16 2.39 0.21
N PHE B 25 3.09 2.99 -0.97
CA PHE B 25 1.85 3.14 -1.72
C PHE B 25 2.15 2.97 -3.22
N LEU B 26 1.18 2.46 -3.97
CA LEU B 26 1.30 2.19 -5.39
C LEU B 26 -0.05 2.47 -6.00
N GLY B 27 -0.07 3.13 -7.15
CA GLY B 27 -1.33 3.35 -7.81
C GLY B 27 -1.21 3.77 -9.25
N LYS B 28 -2.37 3.94 -9.86
CA LYS B 28 -2.52 4.50 -11.19
C LYS B 28 -3.61 5.53 -11.12
N VAL B 29 -3.30 6.71 -11.63
CA VAL B 29 -4.27 7.80 -11.69
C VAL B 29 -4.75 7.92 -13.12
N VAL B 30 -6.00 7.50 -13.33
CA VAL B 30 -6.67 7.60 -14.63
C VAL B 30 -7.53 8.86 -14.69
N ASN B 31 -8.29 9.11 -13.62
CA ASN B 31 -9.12 10.31 -13.50
C ASN B 31 -8.91 10.93 -12.12
N PRO B 32 -8.14 12.02 -12.03
CA PRO B 32 -7.81 12.60 -10.74
C PRO B 32 -8.96 13.31 -10.04
N THR B 33 -10.10 13.49 -10.72
CA THR B 33 -11.26 14.19 -10.16
C THR B 33 -12.40 13.24 -9.78
N GLU B 34 -12.16 11.93 -9.84
CA GLU B 34 -13.24 10.97 -9.58
C GLU B 34 -13.59 10.90 -8.10
N ALA B 35 -14.87 10.78 -7.81
CA ALA B 35 -15.34 10.52 -6.45
C ALA B 35 -15.05 9.08 -6.10
CA CA C . 1.55 8.97 11.28
C1 EDO D . -6.88 -29.11 11.11
O1 EDO D . -7.83 -28.09 11.48
C2 EDO D . -5.47 -28.54 10.96
O2 EDO D . -5.16 -27.71 12.08
C1 EDO E . 3.78 -12.95 -5.31
O1 EDO E . 4.50 -11.89 -5.94
C2 EDO E . 2.32 -12.99 -5.78
O2 EDO E . 1.69 -14.19 -5.31
CA CA F . 15.27 26.66 -8.05
C1 EDO G . -1.47 21.58 -0.11
O1 EDO G . -2.69 21.15 -0.75
C2 EDO G . -0.89 20.40 0.65
O2 EDO G . -0.11 19.58 -0.22
C1 EDO H . -23.58 -6.02 9.55
O1 EDO H . -22.37 -5.33 9.23
C2 EDO H . -23.63 -6.23 11.05
O2 EDO H . -23.44 -4.95 11.68
CA CA I . -17.33 -12.37 21.45
C1 EDO J . -10.88 1.03 -6.16
O1 EDO J . -11.37 -0.17 -6.78
C2 EDO J . -11.98 2.06 -6.10
O2 EDO J . -12.72 1.87 -4.89
C1 EDO K . 0.47 17.95 2.35
O1 EDO K . -0.41 16.97 1.79
C2 EDO K . 1.39 17.32 3.39
O2 EDO K . 2.59 18.09 3.46
CA CA L . -6.12 -27.75 18.87
CA CA M . -2.36 -19.93 26.87
CA CA N . -10.44 1.02 22.28
CA CA O . -4.73 17.46 -23.04
O1 F6Y P . 22.14 11.96 -2.40
C1 F6Y P . 22.08 10.77 -2.66
C2 F6Y P . 21.32 10.12 -3.76
C3 F6Y P . 20.52 10.68 -4.75
C4 F6Y P . 19.93 9.81 -5.66
O2 F6Y P . 22.74 9.71 -1.91
C5 F6Y P . 22.42 8.43 -2.49
C6 F6Y P . 23.65 7.73 -3.00
C7 F6Y P . 24.74 8.47 -3.48
C8 F6Y P . 25.86 7.80 -3.96
C9 F6Y P . 25.91 6.41 -3.96
O3 F6Y P . 27.01 5.76 -4.43
C11 F6Y P . 24.82 5.68 -3.50
C12 F6Y P . 23.69 6.34 -3.02
O4 F6Y P . 22.62 5.63 -2.56
C13 F6Y P . 21.79 6.17 -1.60
C14 F6Y P . 21.11 5.34 -0.72
C15 F6Y P . 20.27 5.89 0.24
O5 F6Y P . 19.59 5.08 1.10
C16 F6Y P . 20.12 7.28 0.33
C17 F6Y P . 20.82 8.11 -0.56
C18 F6Y P . 21.66 7.56 -1.52
C19 F6Y P . 21.52 8.78 -3.65
C20 F6Y P . 20.93 7.89 -4.55
C21 F6Y P . 20.13 8.42 -5.57
C22 F6Y P . 19.47 7.49 -6.55
O6 F6Y P . 20.00 7.28 -7.62
C1 T44 Q . 15.43 5.94 -5.26
C2 T44 Q . 15.07 5.24 -4.11
C3 T44 Q . 14.38 4.04 -4.19
C4 T44 Q . 14.02 3.53 -5.44
C5 T44 Q . 14.38 4.22 -6.59
C6 T44 Q . 15.07 5.42 -6.50
C7 T44 Q . 16.16 7.25 -5.14
CA T44 Q . 17.67 7.15 -4.93
C T44 Q . 18.06 6.16 -3.86
C1' T44 Q . 14.02 1.12 -5.46
C2' T44 Q . 15.40 1.03 -5.72
C3' T44 Q . 16.05 -0.20 -5.63
C4' T44 Q . 15.34 -1.35 -5.30
C5' T44 Q . 13.98 -1.26 -5.04
C6' T44 Q . 13.32 -0.02 -5.12
N T44 Q . 18.33 6.90 -6.20
O4 T44 Q . 13.35 2.33 -5.53
O4' T44 Q . 15.97 -2.56 -5.21
O T44 Q . 18.27 4.96 -4.19
OXT T44 Q . 18.15 6.56 -2.69
I3 T44 Q . 13.88 3.06 -2.42
I3' T44 Q . 18.10 -0.30 -6.03
I5 T44 Q . 13.85 3.47 -8.46
I5' T44 Q . 12.91 -2.97 -4.53
C1 EDO R . -4.62 4.21 -18.51
O1 EDO R . -5.80 5.01 -18.71
C2 EDO R . -5.01 2.75 -18.67
O2 EDO R . -5.71 2.30 -17.52
#